data_3CTS
#
_entry.id   3CTS
#
_cell.length_a   104.140
_cell.length_b   78.250
_cell.length_c   58.400
_cell.angle_alpha   90.00
_cell.angle_beta   78.50
_cell.angle_gamma   90.00
#
_symmetry.space_group_name_H-M   'C 1 2 1'
#
loop_
_entity.id
_entity.type
_entity.pdbx_description
1 polymer 'CITRATE SYNTHASE'
2 non-polymer 'COENZYME A'
3 non-polymer 'CITRIC ACID'
4 water water
#
_entity_poly.entity_id   1
_entity_poly.type   'polypeptide(L)'
_entity_poly.pdbx_seq_one_letter_code
;(UNK)(UNK)(UNK)(UNK)(UNK)(UNK)(UNK)(UNK)(UNK)(UNK)(UNK)(UNK)(UNK)(UNK)(UNK)(UNK)
(UNK)(UNK)(UNK)(UNK)(UNK)(UNK)(UNK)(UNK)(UNK)(UNK)(UNK)(UNK)(UNK)(UNK)(UNK)(UNK)
(UNK)(UNK)(UNK)(UNK)(UNK)(UNK)(UNK)(UNK)(UNK)(UNK)(UNK)(UNK)(UNK)(UNK)(UNK)(UNK)
(UNK)(UNK)(UNK)(UNK)(UNK)(UNK)(UNK)(UNK)(UNK)(UNK)(UNK)(UNK)(UNK)(UNK)(UNK)(UNK)
(UNK)(UNK)(UNK)(UNK)(UNK)(UNK)(UNK)(UNK)(UNK)(UNK)(UNK)(UNK)(UNK)(UNK)(UNK)(UNK)
(UNK)(UNK)(UNK)(UNK)(UNK)(UNK)(UNK)(UNK)(UNK)(UNK)(UNK)(UNK)(UNK)(UNK)(UNK)(UNK)
(UNK)(UNK)(UNK)(UNK)(UNK)(UNK)(UNK)(UNK)(UNK)(UNK)(UNK)(UNK)(UNK)(UNK)(UNK)(UNK)
(UNK)(UNK)(UNK)(UNK)(UNK)(UNK)(UNK)(UNK)(UNK)(UNK)(UNK)(UNK)(UNK)(UNK)(UNK)(UNK)
(UNK)(UNK)(UNK)(UNK)(UNK)(UNK)(UNK)(UNK)(UNK)(UNK)(UNK)(UNK)(UNK)(UNK)(UNK)(UNK)
(UNK)(UNK)(UNK)(UNK)(UNK)(UNK)(UNK)(UNK)(UNK)(UNK)(UNK)(UNK)(UNK)(UNK)(UNK)(UNK)
(UNK)(UNK)(UNK)(UNK)(UNK)(UNK)(UNK)(UNK)(UNK)(UNK)(UNK)(UNK)(UNK)(UNK)(UNK)(UNK)
(UNK)(UNK)(UNK)(UNK)(UNK)(UNK)(UNK)(UNK)(UNK)(UNK)(UNK)(UNK)(UNK)(UNK)(UNK)(UNK)
(UNK)(UNK)(UNK)(UNK)(UNK)(UNK)(UNK)(UNK)(UNK)(UNK)(UNK)(UNK)(UNK)(UNK)(UNK)(UNK)
(UNK)(UNK)(UNK)(UNK)(UNK)(UNK)(UNK)(UNK)(UNK)(UNK)(UNK)(UNK)(UNK)(UNK)(UNK)(UNK)
(UNK)(UNK)(UNK)(UNK)(UNK)(UNK)(UNK)(UNK)(UNK)(UNK)(UNK)(UNK)(UNK)(UNK)(UNK)(UNK)
(UNK)(UNK)(UNK)(UNK)(UNK)(UNK)(UNK)(UNK)(UNK)(UNK)(UNK)(UNK)(UNK)(UNK)(UNK)(UNK)
(UNK)(UNK)(UNK)(UNK)(UNK)(UNK)(UNK)(UNK)(UNK)(UNK)(UNK)(UNK)(UNK)(UNK)(UNK)(UNK)
(UNK)(UNK)(UNK)(UNK)(UNK)(UNK)(UNK)(UNK)(UNK)(UNK)(UNK)(UNK)(UNK)(UNK)(UNK)(UNK)
(UNK)(UNK)(UNK)(UNK)(UNK)(UNK)(UNK)(UNK)(UNK)(UNK)(UNK)(UNK)(UNK)(UNK)(UNK)(UNK)
(UNK)(UNK)(UNK)(UNK)(UNK)(UNK)(UNK)(UNK)(UNK)(UNK)(UNK)(UNK)(UNK)(UNK)(UNK)(UNK)
(UNK)(UNK)(UNK)(UNK)(UNK)(UNK)(UNK)(UNK)(UNK)(UNK)(UNK)(UNK)(UNK)(UNK)(UNK)(UNK)
(UNK)(UNK)(UNK)(UNK)(UNK)(UNK)(UNK)(UNK)(UNK)(UNK)(UNK)(UNK)(UNK)(UNK)(UNK)(UNK)
(UNK)(UNK)(UNK)(UNK)(UNK)(UNK)(UNK)(UNK)(UNK)(UNK)(UNK)(UNK)(UNK)(UNK)(UNK)(UNK)
(UNK)(UNK)(UNK)(UNK)(UNK)(UNK)(UNK)(UNK)(UNK)(UNK)(UNK)(UNK)(UNK)(UNK)(UNK)(UNK)
(UNK)(UNK)(UNK)(UNK)(UNK)(UNK)(UNK)(UNK)(UNK)(UNK)(UNK)(UNK)(UNK)(UNK)(UNK)(UNK)
(UNK)(UNK)(UNK)(UNK)(UNK)(UNK)(UNK)(UNK)(UNK)(UNK)(UNK)(UNK)(UNK)(UNK)(UNK)(UNK)
(UNK)(UNK)(UNK)(UNK)(UNK)(UNK)(UNK)(UNK)(UNK)(UNK)(UNK)(UNK)(UNK)(UNK)(UNK)(UNK)
(UNK)(UNK)(UNK)(UNK)(UNK)
;
_entity_poly.pdbx_strand_id   A
#
loop_
_chem_comp.id
_chem_comp.type
_chem_comp.name
_chem_comp.formula
CIT non-polymer 'CITRIC ACID' 'C6 H8 O7'
COA non-polymer 'COENZYME A' 'C21 H36 N7 O16 P3 S'
#
# COMPACT_ATOMS: atom_id res chain seq x y z
N UNK A 1 21.24 27.87 12.33
CA UNK A 1 20.61 28.51 11.16
C UNK A 1 19.55 27.62 10.50
N UNK A 2 18.80 28.22 9.58
CA UNK A 2 17.82 27.62 8.66
C UNK A 2 16.56 26.91 9.21
N UNK A 3 15.85 26.21 8.28
CA UNK A 3 14.49 25.53 8.34
C UNK A 3 14.42 24.06 7.89
N UNK A 4 13.25 23.48 7.46
CA UNK A 4 12.99 22.02 7.21
C UNK A 4 13.44 21.41 5.87
N UNK A 5 14.07 20.25 5.94
CA UNK A 5 14.43 19.50 4.71
C UNK A 5 14.72 18.03 4.96
N UNK A 6 13.83 17.17 4.58
CA UNK A 6 14.06 15.72 4.80
C UNK A 6 15.38 15.23 4.23
N UNK A 7 15.78 15.68 3.09
CA UNK A 7 16.98 15.13 2.50
C UNK A 7 18.22 15.41 3.34
N UNK A 8 18.23 16.52 4.09
CA UNK A 8 19.38 16.83 5.03
C UNK A 8 19.41 15.95 6.28
N UNK A 9 18.19 15.61 6.69
CA UNK A 9 18.03 14.69 7.80
C UNK A 9 18.50 13.29 7.40
N UNK A 10 18.11 12.87 6.20
CA UNK A 10 18.59 11.61 5.70
C UNK A 10 20.10 11.56 5.56
N UNK A 11 20.70 12.66 5.05
CA UNK A 11 22.15 12.83 4.86
C UNK A 11 22.90 12.65 6.18
N UNK A 12 22.23 13.03 7.27
CA UNK A 12 22.83 12.76 8.58
C UNK A 12 22.73 11.31 9.05
N UNK A 13 21.51 10.73 8.96
CA UNK A 13 21.02 9.42 9.43
C UNK A 13 21.75 8.28 8.66
N UNK A 14 21.93 8.41 7.35
CA UNK A 14 22.56 7.36 6.49
C UNK A 14 23.93 6.78 6.88
N UNK A 15 24.93 7.58 7.13
CA UNK A 15 26.22 7.06 7.56
C UNK A 15 26.15 6.33 8.89
N UNK A 16 25.31 6.79 9.82
CA UNK A 16 25.23 6.09 11.11
C UNK A 16 24.70 4.66 10.95
N UNK A 17 23.66 4.57 10.15
CA UNK A 17 23.07 3.30 9.81
C UNK A 17 23.98 2.37 9.04
N UNK A 18 24.71 2.92 8.11
CA UNK A 18 25.68 2.18 7.32
C UNK A 18 26.74 1.58 8.21
N UNK A 19 27.07 2.32 9.23
CA UNK A 19 28.10 1.89 10.18
C UNK A 19 27.62 0.79 11.11
N UNK A 20 26.42 1.00 11.58
CA UNK A 20 25.68 0.11 12.46
C UNK A 20 25.47 -1.31 11.90
N UNK A 21 25.06 -1.33 10.60
CA UNK A 21 24.81 -2.59 9.91
C UNK A 21 26.13 -3.26 9.59
N UNK A 22 27.16 -2.47 9.32
CA UNK A 22 28.41 -3.21 9.05
C UNK A 22 29.07 -3.88 10.25
N UNK A 23 28.99 -3.31 11.40
CA UNK A 23 29.51 -4.02 12.58
C UNK A 23 28.65 -5.19 13.00
N UNK A 24 27.38 -5.04 12.81
CA UNK A 24 26.47 -6.15 13.12
C UNK A 24 26.74 -7.34 12.21
N UNK A 25 27.01 -7.00 10.97
CA UNK A 25 27.32 -8.04 9.99
C UNK A 25 28.71 -8.63 10.16
N UNK A 26 29.66 -7.80 10.57
CA UNK A 26 31.02 -8.28 10.83
C UNK A 26 31.08 -9.23 12.02
N UNK A 27 30.10 -9.18 12.81
CA UNK A 27 29.99 -10.03 13.96
C UNK A 27 29.04 -11.21 13.77
N UNK A 28 27.93 -11.01 13.07
CA UNK A 28 26.84 -12.01 13.01
C UNK A 28 26.39 -12.44 11.61
N UNK A 29 27.10 -11.99 10.60
CA UNK A 29 26.91 -12.39 9.21
C UNK A 29 26.69 -13.88 9.06
N UNK A 30 27.44 -14.63 9.83
CA UNK A 30 27.53 -16.10 9.69
C UNK A 30 26.30 -16.75 10.30
N UNK A 31 25.68 -15.99 11.18
CA UNK A 31 24.67 -16.58 12.05
C UNK A 31 23.43 -17.02 11.31
N UNK A 32 23.07 -18.25 11.59
CA UNK A 32 21.93 -18.92 11.00
C UNK A 32 20.69 -18.47 11.72
N UNK A 33 19.77 -17.90 10.94
CA UNK A 33 18.55 -17.21 11.40
C UNK A 33 17.38 -18.18 11.15
N UNK A 34 17.65 -19.17 10.40
CA UNK A 34 16.58 -20.12 10.13
C UNK A 34 16.98 -21.15 9.10
N UNK A 35 16.08 -22.06 8.86
CA UNK A 35 16.28 -23.14 7.91
C UNK A 35 15.26 -23.11 6.76
N UNK A 36 15.62 -23.65 5.64
CA UNK A 36 14.68 -23.80 4.53
C UNK A 36 14.28 -25.27 4.31
N UNK A 37 12.97 -25.49 4.27
CA UNK A 37 12.43 -26.81 4.05
C UNK A 37 11.83 -26.84 2.66
N UNK A 38 11.54 -28.06 2.24
CA UNK A 38 10.91 -28.35 0.94
C UNK A 38 9.51 -27.75 0.81
N UNK A 39 8.70 -27.86 1.83
CA UNK A 39 7.39 -27.22 1.83
C UNK A 39 7.46 -25.70 1.83
N UNK A 40 8.58 -25.12 2.31
CA UNK A 40 8.68 -23.68 2.20
C UNK A 40 8.88 -23.27 0.75
N UNK A 41 9.66 -24.06 0.04
CA UNK A 41 10.00 -23.76 -1.35
C UNK A 41 8.83 -23.99 -2.29
N UNK A 42 8.03 -24.97 -1.99
CA UNK A 42 6.76 -25.19 -2.72
C UNK A 42 5.67 -24.27 -2.20
N UNK A 43 5.86 -23.78 -0.96
CA UNK A 43 4.79 -22.99 -0.34
C UNK A 43 4.96 -21.50 -0.49
N UNK A 44 5.65 -21.05 -1.46
CA UNK A 44 5.66 -19.57 -1.63
C UNK A 44 6.47 -18.81 -0.58
N UNK A 45 7.57 -19.40 -0.15
CA UNK A 45 8.41 -18.90 0.96
C UNK A 45 7.65 -18.68 2.27
N UNK A 46 6.54 -19.38 2.47
CA UNK A 46 5.76 -19.22 3.68
C UNK A 46 6.57 -19.63 4.88
N UNK A 47 6.78 -18.66 5.74
CA UNK A 47 7.58 -18.90 6.94
C UNK A 47 9.03 -18.53 6.73
N UNK A 48 9.46 -18.24 5.54
CA UNK A 48 10.89 -17.95 5.28
C UNK A 48 11.25 -16.50 5.63
N UNK A 49 12.32 -16.31 6.38
CA UNK A 49 12.89 -15.01 6.68
C UNK A 49 13.71 -14.51 5.50
N UNK A 50 13.14 -13.83 4.54
CA UNK A 50 13.82 -13.65 3.25
C UNK A 50 14.62 -12.36 3.06
N UNK A 51 14.18 -11.26 3.66
CA UNK A 51 14.52 -9.85 3.33
C UNK A 51 14.72 -9.04 4.58
N UNK A 52 15.48 -7.97 4.39
CA UNK A 52 15.50 -6.86 5.35
C UNK A 52 14.79 -5.65 4.81
N UNK A 53 13.83 -5.21 5.55
CA UNK A 53 12.96 -4.16 5.10
C UNK A 53 12.68 -3.32 6.34
N UNK A 54 13.03 -2.07 6.34
CA UNK A 54 13.12 -1.45 7.64
C UNK A 54 11.95 -0.65 8.12
N UNK A 55 11.17 -0.19 7.19
CA UNK A 55 10.18 0.77 7.55
C UNK A 55 9.04 0.13 8.36
N UNK A 56 8.72 -1.13 8.23
CA UNK A 56 7.62 -1.65 9.12
C UNK A 56 7.77 -3.13 9.35
N UNK A 57 7.29 -3.63 10.44
CA UNK A 57 7.41 -5.06 10.69
C UNK A 57 6.07 -5.68 11.08
N UNK A 58 5.67 -6.76 10.45
CA UNK A 58 4.39 -7.39 10.82
C UNK A 58 4.62 -8.47 11.88
N UNK A 59 3.90 -8.32 12.98
CA UNK A 59 3.67 -9.40 13.93
C UNK A 59 2.40 -10.27 13.64
N UNK A 60 2.56 -11.56 13.60
CA UNK A 60 1.46 -12.51 13.40
C UNK A 60 0.27 -12.45 14.36
N UNK A 61 0.47 -12.00 15.62
CA UNK A 61 -0.61 -11.84 16.61
C UNK A 61 -1.06 -10.41 16.74
N UNK A 62 -0.10 -9.53 16.84
CA UNK A 62 -0.34 -8.11 17.10
C UNK A 62 -0.59 -7.29 15.83
N UNK A 63 0.02 -7.67 14.75
CA UNK A 63 -0.16 -6.88 13.52
C UNK A 63 0.96 -5.86 13.33
N UNK A 64 0.78 -5.01 12.31
CA UNK A 64 1.86 -4.15 11.79
C UNK A 64 2.32 -3.14 12.81
N UNK A 65 3.57 -2.85 12.77
CA UNK A 65 4.13 -1.66 13.43
C UNK A 65 5.01 -0.85 12.48
N UNK A 66 4.84 0.43 12.51
CA UNK A 66 5.55 1.43 11.71
C UNK A 66 6.89 1.91 12.30
N UNK A 67 7.07 2.33 13.51
CA UNK A 67 8.51 2.04 14.01
C UNK A 67 8.46 0.72 14.74
N UNK A 68 8.16 0.95 15.96
CA UNK A 68 7.52 0.00 16.80
C UNK A 68 6.23 0.68 17.12
N UNK A 69 5.75 1.54 16.21
CA UNK A 69 4.40 2.15 16.36
C UNK A 69 3.22 1.42 15.72
N UNK A 70 2.36 0.96 16.58
CA UNK A 70 1.08 0.35 16.16
C UNK A 70 0.13 1.36 15.54
N UNK A 71 -0.87 0.88 14.87
CA UNK A 71 -1.99 1.72 14.45
C UNK A 71 -2.62 2.65 15.49
N UNK A 72 -3.10 2.14 16.63
CA UNK A 72 -3.52 2.93 17.76
C UNK A 72 -2.54 4.01 18.24
N UNK A 73 -1.26 3.71 18.36
CA UNK A 73 -0.29 4.78 18.65
C UNK A 73 -0.17 5.83 17.55
N UNK A 74 -0.16 5.36 16.32
CA UNK A 74 -0.04 6.30 15.19
C UNK A 74 -1.24 7.24 15.19
N UNK A 75 -2.38 6.70 15.46
CA UNK A 75 -3.61 7.47 15.59
C UNK A 75 -3.49 8.56 16.63
N UNK A 76 -2.82 8.29 17.74
CA UNK A 76 -2.68 9.39 18.68
C UNK A 76 -1.55 10.34 18.40
N UNK A 77 -0.46 9.81 17.82
CA UNK A 77 0.85 10.52 17.80
C UNK A 77 1.11 11.38 16.60
N UNK A 78 0.64 10.95 15.46
CA UNK A 78 0.85 11.65 14.20
C UNK A 78 -0.08 12.84 14.12
N UNK A 79 0.43 13.98 13.66
CA UNK A 79 -0.34 15.18 13.34
C UNK A 79 -1.53 14.96 12.42
N UNK A 80 -2.60 15.68 12.77
CA UNK A 80 -3.92 15.66 12.17
C UNK A 80 -4.19 16.98 11.49
N UNK A 81 -5.20 17.03 10.65
CA UNK A 81 -5.54 18.16 9.78
C UNK A 81 -5.83 19.39 10.62
N UNK A 82 -6.51 19.13 11.71
CA UNK A 82 -7.22 20.27 12.34
C UNK A 82 -7.38 20.14 13.85
N UNK A 83 -8.51 19.96 14.35
N UNK A 84 -10.39 16.45 11.25
CA UNK A 84 -9.35 16.77 12.24
C UNK A 84 -9.16 15.69 13.29
N UNK A 85 -9.56 14.48 13.00
CA UNK A 85 -9.30 13.34 13.92
C UNK A 85 -8.28 12.36 13.34
N UNK A 86 -8.20 12.31 12.05
CA UNK A 86 -7.37 11.24 11.48
C UNK A 86 -5.95 11.68 11.17
N UNK A 87 -5.00 10.78 11.30
CA UNK A 87 -3.58 11.11 11.00
C UNK A 87 -3.38 11.43 9.51
N UNK A 88 -2.55 12.40 9.27
CA UNK A 88 -2.20 12.84 7.90
C UNK A 88 -1.16 11.90 7.35
N UNK A 89 -1.37 11.34 6.17
CA UNK A 89 -0.39 10.42 5.54
C UNK A 89 0.99 11.05 5.37
N UNK A 90 1.09 12.37 5.21
CA UNK A 90 2.34 13.07 5.24
C UNK A 90 3.19 12.71 6.45
N UNK A 91 2.58 12.62 7.56
CA UNK A 91 3.32 12.36 8.82
C UNK A 91 3.71 10.89 8.98
N UNK A 92 2.97 10.04 8.41
CA UNK A 92 3.37 8.66 8.33
C UNK A 92 4.62 8.53 7.49
N UNK A 93 4.64 9.27 6.40
CA UNK A 93 5.80 9.17 5.51
C UNK A 93 7.12 9.59 6.17
N UNK A 94 7.08 10.67 6.85
CA UNK A 94 8.22 11.19 7.64
C UNK A 94 8.64 10.15 8.66
N UNK A 95 7.66 9.52 9.30
CA UNK A 95 7.89 8.46 10.33
C UNK A 95 8.65 7.32 9.69
N UNK A 96 8.16 6.86 8.54
CA UNK A 96 8.68 5.65 7.88
C UNK A 96 10.07 5.96 7.39
N UNK A 97 10.37 7.15 6.96
CA UNK A 97 11.67 7.46 6.35
C UNK A 97 12.76 7.65 7.37
N UNK A 98 12.42 8.33 8.44
CA UNK A 98 13.29 8.82 9.48
C UNK A 98 13.29 8.00 10.76
N UNK A 99 12.26 7.23 11.01
CA UNK A 99 12.15 6.52 12.31
C UNK A 99 11.47 7.37 13.37
N UNK A 100 11.29 8.63 13.13
CA UNK A 100 10.89 9.60 14.16
C UNK A 100 9.50 10.20 13.91
N UNK A 101 8.82 10.55 14.97
CA UNK A 101 7.51 11.17 14.83
C UNK A 101 7.63 12.66 14.52
N UNK A 102 7.09 13.07 13.41
CA UNK A 102 7.23 14.43 12.90
C UNK A 102 6.50 15.42 13.80
N UNK A 103 6.95 16.63 13.75
CA UNK A 103 6.23 17.73 14.33
C UNK A 103 5.25 18.26 13.28
N UNK A 104 4.20 18.99 13.72
CA UNK A 104 3.26 19.64 12.80
C UNK A 104 4.01 20.34 11.66
N UNK A 105 5.09 21.01 12.00
CA UNK A 105 5.82 21.81 11.05
C UNK A 105 6.53 21.00 9.97
N UNK A 106 7.07 19.85 10.35
CA UNK A 106 7.70 18.96 9.37
C UNK A 106 6.59 18.49 8.44
N UNK A 107 5.43 18.22 9.03
CA UNK A 107 4.34 17.70 8.25
C UNK A 107 3.82 18.71 7.23
N UNK A 108 3.72 19.96 7.59
CA UNK A 108 3.39 21.01 6.59
C UNK A 108 4.42 21.08 5.48
N UNK A 109 5.68 20.90 5.85
CA UNK A 109 6.71 20.89 4.81
C UNK A 109 6.49 19.79 3.76
N UNK A 110 6.15 18.62 4.22
CA UNK A 110 5.85 17.54 3.27
C UNK A 110 4.69 17.90 2.37
N UNK A 111 3.66 18.42 2.98
CA UNK A 111 2.45 18.78 2.23
C UNK A 111 2.76 19.82 1.19
N UNK A 112 3.52 20.83 1.53
CA UNK A 112 3.84 21.80 0.46
C UNK A 112 4.80 21.33 -0.61
N UNK A 113 5.73 20.48 -0.21
CA UNK A 113 6.64 19.85 -1.14
C UNK A 113 5.94 18.92 -2.14
N UNK A 114 4.96 18.17 -1.65
CA UNK A 114 4.19 17.29 -2.55
C UNK A 114 3.25 18.11 -3.42
N UNK A 115 2.90 19.26 -2.93
CA UNK A 115 2.12 20.11 -3.81
C UNK A 115 2.96 20.75 -4.90
N UNK A 116 4.14 21.23 -4.50
CA UNK A 116 5.12 21.85 -5.44
C UNK A 116 5.48 20.96 -6.60
N UNK A 117 5.64 19.68 -6.34
CA UNK A 117 6.16 18.70 -7.32
C UNK A 117 5.15 18.09 -8.27
N UNK A 118 3.88 18.32 -8.00
CA UNK A 118 2.73 17.66 -8.62
C UNK A 118 2.34 18.25 -9.97
N UNK A 119 3.00 17.75 -11.00
CA UNK A 119 2.78 18.11 -12.40
C UNK A 119 2.87 16.90 -13.26
N UNK A 120 2.12 16.91 -14.30
CA UNK A 120 2.00 15.77 -15.15
C UNK A 120 2.38 16.18 -16.55
N UNK A 121 3.30 15.45 -17.12
CA UNK A 121 3.77 15.69 -18.48
C UNK A 121 2.69 15.34 -19.50
N UNK A 122 2.67 16.15 -20.50
CA UNK A 122 1.75 16.07 -21.63
C UNK A 122 1.53 14.69 -22.20
N UNK A 123 2.57 13.94 -22.39
CA UNK A 123 2.39 12.60 -22.97
C UNK A 123 1.64 11.62 -22.08
N UNK A 124 1.72 11.77 -20.76
CA UNK A 124 0.90 10.95 -19.89
C UNK A 124 -0.55 11.38 -19.94
N UNK A 125 -0.77 12.69 -19.95
CA UNK A 125 -2.13 13.18 -19.99
C UNK A 125 -2.81 12.71 -21.27
N UNK A 126 -2.04 12.69 -22.38
CA UNK A 126 -2.50 12.15 -23.65
C UNK A 126 -2.86 10.67 -23.63
N UNK A 127 -2.00 9.84 -23.08
CA UNK A 127 -2.28 8.40 -23.00
C UNK A 127 -3.50 8.13 -22.12
N UNK A 128 -3.59 8.80 -21.01
CA UNK A 128 -4.72 8.57 -20.10
C UNK A 128 -6.05 8.96 -20.76
N UNK A 129 -6.01 10.06 -21.52
CA UNK A 129 -7.19 10.56 -22.25
C UNK A 129 -7.66 9.64 -23.37
N UNK A 130 -6.75 8.87 -23.92
CA UNK A 130 -7.13 7.95 -25.01
C UNK A 130 -7.47 6.55 -24.54
N UNK A 131 -7.22 6.23 -23.28
CA UNK A 131 -7.49 4.87 -22.80
C UNK A 131 -8.97 4.49 -22.92
N UNK A 132 -9.21 3.26 -23.30
CA UNK A 132 -10.54 2.71 -23.42
C UNK A 132 -11.17 2.62 -22.05
N UNK A 133 -12.47 2.67 -21.95
CA UNK A 133 -13.13 2.52 -20.66
C UNK A 133 -13.28 1.08 -20.14
N UNK A 134 -13.00 0.08 -20.95
CA UNK A 134 -12.99 -1.26 -20.43
C UNK A 134 -11.58 -1.60 -19.99
N UNK A 135 -10.69 -0.63 -19.97
CA UNK A 135 -9.32 -0.93 -19.46
C UNK A 135 -9.27 -0.63 -17.96
N UNK A 136 -8.98 -1.65 -17.18
CA UNK A 136 -9.12 -1.58 -15.72
C UNK A 136 -8.28 -0.47 -15.12
N UNK A 137 -8.85 0.24 -14.18
CA UNK A 137 -8.20 1.35 -13.45
C UNK A 137 -6.77 1.09 -12.97
N UNK A 138 -6.55 -0.16 -12.56
CA UNK A 138 -5.21 -0.54 -12.10
C UNK A 138 -4.25 -0.63 -13.28
N UNK A 139 -4.77 -1.05 -14.47
CA UNK A 139 -3.98 -1.20 -15.71
C UNK A 139 -3.69 0.17 -16.30
N UNK A 140 -4.68 1.01 -16.17
CA UNK A 140 -4.44 2.41 -16.51
C UNK A 140 -3.47 3.08 -15.56
N UNK A 141 -3.52 2.75 -14.29
CA UNK A 141 -2.56 3.38 -13.36
C UNK A 141 -1.12 2.95 -13.60
N UNK A 142 -0.91 1.69 -13.66
CA UNK A 142 0.37 1.08 -13.86
C UNK A 142 1.02 1.51 -15.17
N UNK A 143 0.31 1.56 -16.30
CA UNK A 143 0.98 2.00 -17.56
C UNK A 143 1.36 3.49 -17.50
N UNK A 144 0.53 4.27 -16.88
CA UNK A 144 0.80 5.68 -16.68
C UNK A 144 2.09 5.93 -15.88
N UNK A 145 2.30 5.14 -14.84
CA UNK A 145 3.52 5.36 -14.06
C UNK A 145 4.78 4.79 -14.68
N UNK A 146 4.61 3.75 -15.45
CA UNK A 146 5.71 3.33 -16.35
C UNK A 146 6.16 4.41 -17.36
N UNK A 147 5.20 4.98 -18.06
CA UNK A 147 5.36 6.09 -19.01
C UNK A 147 5.96 7.39 -18.39
N UNK A 148 5.80 7.59 -17.10
CA UNK A 148 6.39 8.73 -16.39
C UNK A 148 7.91 8.57 -16.23
N UNK A 149 8.44 7.37 -16.50
CA UNK A 149 9.87 7.14 -16.25
C UNK A 149 10.81 7.93 -17.18
N UNK A 150 10.22 8.48 -18.18
CA UNK A 150 10.74 9.51 -19.10
C UNK A 150 11.47 10.60 -18.27
N UNK A 151 10.88 10.88 -17.17
CA UNK A 151 11.22 12.04 -16.35
C UNK A 151 12.08 11.65 -15.15
N UNK A 152 12.51 10.39 -15.08
CA UNK A 152 13.28 9.94 -13.90
C UNK A 152 14.63 10.67 -13.73
N UNK A 153 14.86 11.21 -12.58
CA UNK A 153 16.11 11.84 -12.23
C UNK A 153 17.14 10.75 -11.94
N UNK A 154 16.75 9.64 -11.37
CA UNK A 154 17.73 8.55 -11.09
C UNK A 154 18.26 7.92 -12.38
N UNK A 155 17.36 7.65 -13.30
CA UNK A 155 17.68 6.99 -14.57
C UNK A 155 18.61 7.85 -15.41
N UNK A 156 18.48 9.15 -15.20
CA UNK A 156 19.31 10.12 -15.94
C UNK A 156 20.66 10.30 -15.30
N UNK A 157 20.72 10.30 -14.01
CA UNK A 157 21.99 10.32 -13.29
C UNK A 157 22.82 9.05 -13.53
N UNK A 158 22.11 7.96 -13.57
CA UNK A 158 22.73 6.68 -13.82
C UNK A 158 23.35 6.65 -15.20
N UNK A 159 22.60 7.09 -16.18
CA UNK A 159 23.10 7.15 -17.55
C UNK A 159 24.28 8.10 -17.68
N UNK A 160 24.35 9.07 -16.82
CA UNK A 160 25.49 9.94 -16.81
C UNK A 160 26.61 9.45 -15.90
N UNK A 161 26.39 8.31 -15.28
CA UNK A 161 27.48 7.57 -14.63
C UNK A 161 27.88 8.11 -13.27
N UNK A 162 26.96 8.54 -12.46
CA UNK A 162 27.31 8.85 -11.05
C UNK A 162 27.89 7.66 -10.28
N UNK A 163 28.56 7.99 -9.22
CA UNK A 163 29.07 7.02 -8.27
C UNK A 163 27.88 6.35 -7.57
N UNK A 164 27.88 5.01 -7.40
CA UNK A 164 26.89 4.28 -6.58
C UNK A 164 26.52 4.95 -5.28
N UNK A 165 27.48 5.52 -4.65
CA UNK A 165 27.34 6.14 -3.37
C UNK A 165 26.30 7.26 -3.34
N UNK A 166 26.05 7.88 -4.45
CA UNK A 166 25.00 8.88 -4.43
C UNK A 166 23.64 8.42 -4.92
N UNK A 167 23.47 7.15 -5.17
CA UNK A 167 22.16 6.68 -5.71
C UNK A 167 20.95 7.15 -4.89
N UNK A 168 21.01 6.95 -3.61
CA UNK A 168 19.92 7.33 -2.71
C UNK A 168 19.34 8.73 -2.96
N UNK A 169 20.25 9.69 -3.27
CA UNK A 169 19.89 11.11 -3.39
C UNK A 169 18.95 11.35 -4.55
N UNK A 170 19.16 10.62 -5.63
CA UNK A 170 18.35 10.67 -6.88
C UNK A 170 17.11 9.76 -6.78
N UNK A 171 17.16 8.69 -6.02
CA UNK A 171 15.95 7.97 -5.63
C UNK A 171 14.99 8.79 -4.75
N UNK A 172 15.52 9.52 -3.82
CA UNK A 172 14.72 10.39 -2.98
C UNK A 172 13.95 11.45 -3.82
N UNK A 173 14.62 12.07 -4.82
CA UNK A 173 13.95 13.07 -5.66
C UNK A 173 12.78 12.48 -6.46
N UNK A 174 13.07 11.37 -7.11
CA UNK A 174 12.09 10.64 -7.86
C UNK A 174 10.97 10.06 -6.98
N UNK A 175 11.28 9.59 -5.76
CA UNK A 175 10.21 9.21 -4.81
C UNK A 175 9.29 10.39 -4.44
N UNK A 176 9.88 11.55 -4.16
CA UNK A 176 9.04 12.64 -3.73
C UNK A 176 8.21 13.20 -4.90
N UNK A 177 8.79 13.06 -6.10
CA UNK A 177 8.09 13.37 -7.36
C UNK A 177 6.95 12.43 -7.69
N UNK A 178 7.15 11.19 -7.52
CA UNK A 178 6.19 10.11 -7.82
C UNK A 178 5.02 10.26 -6.88
N UNK A 179 5.31 10.43 -5.61
CA UNK A 179 4.26 10.58 -4.62
C UNK A 179 3.37 11.82 -4.84
N UNK A 180 4.02 12.91 -5.21
CA UNK A 180 3.37 14.14 -5.59
C UNK A 180 2.46 13.94 -6.80
N UNK A 181 2.88 13.16 -7.75
CA UNK A 181 2.14 13.09 -9.01
C UNK A 181 0.98 12.11 -8.95
N UNK A 182 1.17 11.09 -8.11
CA UNK A 182 0.20 9.98 -7.92
C UNK A 182 -1.29 10.36 -7.90
N UNK A 183 -1.73 11.21 -6.98
CA UNK A 183 -3.10 11.66 -6.91
C UNK A 183 -3.58 12.32 -8.19
N UNK A 184 -2.67 12.88 -8.97
CA UNK A 184 -3.12 13.48 -10.25
C UNK A 184 -3.43 12.42 -11.28
N UNK A 185 -2.57 11.43 -11.33
CA UNK A 185 -2.78 10.36 -12.27
C UNK A 185 -4.06 9.63 -11.85
N UNK A 186 -4.20 9.36 -10.55
CA UNK A 186 -5.32 8.53 -10.05
C UNK A 186 -6.67 9.23 -10.21
N UNK A 187 -6.62 10.49 -9.99
CA UNK A 187 -7.83 11.29 -10.16
C UNK A 187 -8.23 11.50 -11.61
N UNK A 188 -7.25 11.60 -12.45
CA UNK A 188 -7.52 11.76 -13.83
C UNK A 188 -8.12 10.50 -14.45
N UNK A 189 -7.74 9.36 -13.91
CA UNK A 189 -8.43 8.13 -14.29
C UNK A 189 -9.87 8.19 -13.81
N UNK A 190 -10.06 8.56 -12.57
CA UNK A 190 -11.41 8.49 -11.97
C UNK A 190 -12.39 9.37 -12.74
N UNK A 191 -11.88 10.52 -13.14
CA UNK A 191 -12.58 11.58 -13.80
C UNK A 191 -12.83 11.18 -15.25
N UNK A 192 -11.92 10.51 -15.87
CA UNK A 192 -12.17 10.11 -17.25
C UNK A 192 -13.18 8.97 -17.36
N UNK A 193 -13.05 8.01 -16.52
CA UNK A 193 -13.95 6.87 -16.51
C UNK A 193 -15.33 7.26 -16.00
N UNK A 194 -15.40 7.97 -14.87
CA UNK A 194 -16.66 8.06 -14.15
C UNK A 194 -17.28 9.46 -14.13
N UNK A 195 -16.50 10.42 -14.63
CA UNK A 195 -17.04 11.78 -14.64
C UNK A 195 -16.85 12.49 -15.97
N UNK A 196 -16.95 11.76 -17.07
CA UNK A 196 -16.54 12.18 -18.43
C UNK A 196 -16.82 13.65 -18.75
N UNK A 197 -15.81 14.37 -19.10
CA UNK A 197 -16.00 15.75 -19.57
C UNK A 197 -15.60 16.85 -18.57
N UNK A 198 -15.38 16.41 -17.36
CA UNK A 198 -14.96 17.24 -16.25
C UNK A 198 -13.45 17.26 -16.07
N UNK A 199 -12.90 18.14 -15.27
CA UNK A 199 -11.44 18.27 -15.17
C UNK A 199 -10.90 18.21 -13.73
N UNK A 200 -9.73 17.65 -13.52
CA UNK A 200 -9.29 17.46 -12.13
C UNK A 200 -8.92 18.75 -11.46
N UNK A 201 -8.70 19.78 -12.25
CA UNK A 201 -8.43 21.08 -11.63
C UNK A 201 -7.02 21.16 -11.06
N UNK A 202 -6.85 22.15 -10.22
CA UNK A 202 -5.54 22.62 -9.77
C UNK A 202 -5.25 22.05 -8.39
N UNK A 203 -3.97 21.81 -8.11
CA UNK A 203 -3.56 21.49 -6.77
C UNK A 203 -3.32 22.80 -6.05
N UNK A 204 -3.79 22.88 -4.84
CA UNK A 204 -3.69 24.07 -3.96
C UNK A 204 -2.58 23.87 -2.94
N UNK A 205 -1.58 24.72 -2.96
CA UNK A 205 -0.35 24.46 -2.15
C UNK A 205 -0.53 24.50 -0.64
N UNK A 206 -1.68 25.01 -0.26
CA UNK A 206 -2.07 25.18 1.12
C UNK A 206 -2.89 24.00 1.66
N UNK A 207 -3.19 23.00 0.85
CA UNK A 207 -3.94 21.83 1.42
C UNK A 207 -3.05 20.61 1.61
N UNK A 208 -3.42 19.72 2.52
CA UNK A 208 -2.75 18.42 2.67
C UNK A 208 -3.06 17.52 1.49
N UNK A 209 -2.13 16.67 1.19
CA UNK A 209 -2.18 15.79 0.04
C UNK A 209 -3.51 15.05 -0.14
N UNK A 210 -4.13 14.54 0.94
CA UNK A 210 -5.40 13.82 0.89
C UNK A 210 -6.58 14.68 0.45
N UNK A 211 -6.59 15.88 0.97
CA UNK A 211 -7.57 16.87 0.63
C UNK A 211 -7.39 17.37 -0.81
N UNK A 212 -6.22 17.60 -1.30
CA UNK A 212 -6.13 17.90 -2.75
C UNK A 212 -6.69 16.75 -3.56
N UNK A 213 -6.51 15.56 -3.04
CA UNK A 213 -6.86 14.35 -3.85
C UNK A 213 -8.37 14.21 -3.92
N UNK A 214 -9.03 14.44 -2.80
CA UNK A 214 -10.50 14.34 -2.74
C UNK A 214 -11.12 15.48 -3.53
N UNK A 215 -10.49 16.61 -3.58
CA UNK A 215 -10.96 17.65 -4.46
C UNK A 215 -10.85 17.21 -5.90
N UNK A 216 -9.73 16.61 -6.24
CA UNK A 216 -9.54 16.20 -7.62
C UNK A 216 -10.48 15.06 -8.01
N UNK A 217 -10.93 14.26 -7.02
CA UNK A 217 -11.94 13.18 -7.22
C UNK A 217 -13.31 13.85 -7.25
N UNK A 218 -13.45 14.97 -6.65
CA UNK A 218 -14.71 15.65 -6.76
C UNK A 218 -15.56 15.45 -5.52
N UNK A 219 -14.96 15.10 -4.44
CA UNK A 219 -15.78 14.89 -3.27
C UNK A 219 -15.75 16.03 -2.29
N UNK A 220 -16.88 16.44 -1.81
CA UNK A 220 -16.91 17.59 -0.95
C UNK A 220 -17.13 17.25 0.50
N UNK A 221 -17.67 16.11 0.77
CA UNK A 221 -18.01 15.76 2.14
C UNK A 221 -16.78 15.75 3.03
N UNK A 222 -16.91 16.57 4.04
CA UNK A 222 -15.91 16.78 5.06
C UNK A 222 -15.47 15.49 5.79
N UNK A 223 -16.36 14.53 5.90
CA UNK A 223 -15.97 13.27 6.52
C UNK A 223 -15.34 12.33 5.53
N UNK A 224 -15.66 12.50 4.24
CA UNK A 224 -14.93 11.79 3.20
C UNK A 224 -13.43 12.11 3.24
N UNK A 225 -13.08 13.34 3.42
CA UNK A 225 -11.68 13.72 3.53
C UNK A 225 -10.98 13.02 4.71
N UNK A 226 -11.64 12.91 5.81
CA UNK A 226 -11.08 12.25 7.01
C UNK A 226 -10.92 10.73 6.82
N UNK A 227 -11.87 10.19 6.12
CA UNK A 227 -11.80 8.79 5.61
C UNK A 227 -10.59 8.63 4.72
N UNK A 228 -10.36 9.56 3.84
CA UNK A 228 -9.19 9.44 2.97
C UNK A 228 -7.84 9.48 3.68
N UNK A 229 -7.73 10.36 4.63
CA UNK A 229 -6.49 10.46 5.45
C UNK A 229 -6.21 9.18 6.21
N UNK A 230 -7.19 8.63 6.85
CA UNK A 230 -7.01 7.34 7.54
C UNK A 230 -6.69 6.21 6.55
N UNK A 231 -7.39 6.22 5.46
CA UNK A 231 -7.24 5.15 4.45
C UNK A 231 -5.81 5.11 3.93
N UNK A 232 -5.38 6.27 3.44
CA UNK A 232 -4.05 6.39 2.90
C UNK A 232 -2.95 6.15 3.91
N UNK A 233 -3.21 6.39 5.15
CA UNK A 233 -2.21 6.11 6.18
C UNK A 233 -2.15 4.60 6.46
N UNK A 234 -3.30 3.98 6.62
CA UNK A 234 -3.26 2.62 7.13
C UNK A 234 -2.86 1.66 6.06
N UNK A 235 -3.01 2.06 4.80
CA UNK A 235 -2.65 1.14 3.71
C UNK A 235 -1.16 1.28 3.36
N UNK A 236 -0.51 2.20 4.00
CA UNK A 236 0.84 2.65 3.72
C UNK A 236 1.80 1.55 3.37
N UNK A 237 1.97 0.67 4.33
CA UNK A 237 3.06 -0.25 4.29
C UNK A 237 2.72 -1.44 5.15
N UNK A 238 3.19 -2.57 4.80
CA UNK A 238 2.83 -3.75 5.55
C UNK A 238 3.99 -4.76 5.47
N UNK A 239 5.12 -4.25 5.93
CA UNK A 239 6.41 -4.94 5.84
C UNK A 239 6.74 -5.38 4.41
N UNK A 240 7.85 -6.04 4.25
CA UNK A 240 8.50 -6.18 2.96
C UNK A 240 8.06 -7.38 2.20
N UNK A 241 7.53 -8.35 2.88
CA UNK A 241 7.27 -9.64 2.20
C UNK A 241 5.96 -9.69 1.42
N UNK A 242 5.10 -8.65 1.49
CA UNK A 242 3.88 -8.66 0.70
C UNK A 242 4.14 -8.42 -0.77
N UNK A 243 3.34 -8.99 -1.59
CA UNK A 243 3.57 -8.98 -3.03
C UNK A 243 3.96 -7.60 -3.60
N UNK A 244 3.24 -6.59 -3.29
CA UNK A 244 3.58 -5.32 -3.94
C UNK A 244 4.89 -4.68 -3.45
N UNK A 245 5.13 -4.73 -2.17
CA UNK A 245 6.39 -4.28 -1.58
C UNK A 245 7.56 -5.13 -2.02
N UNK A 246 7.39 -6.42 -2.03
CA UNK A 246 8.48 -7.28 -2.45
C UNK A 246 8.78 -7.07 -3.93
N UNK A 247 7.75 -6.90 -4.77
CA UNK A 247 8.03 -6.59 -6.15
C UNK A 247 8.81 -5.27 -6.34
N UNK A 248 8.42 -4.20 -5.69
CA UNK A 248 9.15 -2.93 -5.86
C UNK A 248 10.59 -3.11 -5.39
N UNK A 249 10.75 -4.02 -4.41
CA UNK A 249 12.05 -4.22 -3.79
C UNK A 249 12.95 -5.03 -4.72
N UNK A 250 12.40 -6.03 -5.29
CA UNK A 250 13.04 -6.84 -6.29
C UNK A 250 13.43 -6.02 -7.51
N UNK A 251 12.49 -5.29 -8.04
CA UNK A 251 12.79 -4.56 -9.27
C UNK A 251 13.75 -3.38 -9.10
N UNK A 252 13.59 -2.69 -7.98
CA UNK A 252 14.48 -1.63 -7.49
C UNK A 252 15.91 -2.10 -7.34
N UNK A 253 16.11 -3.35 -6.96
CA UNK A 253 17.43 -3.92 -6.71
C UNK A 253 18.29 -4.10 -7.96
N UNK A 254 17.66 -4.16 -9.10
CA UNK A 254 18.33 -4.18 -10.38
C UNK A 254 18.68 -2.78 -10.90
N UNK A 255 18.34 -1.77 -10.08
CA UNK A 255 18.50 -0.32 -10.33
C UNK A 255 17.67 0.23 -11.49
N UNK A 256 16.51 -0.41 -11.65
CA UNK A 256 15.37 0.25 -12.33
C UNK A 256 14.93 1.39 -11.42
N UNK A 257 14.55 2.48 -12.05
CA UNK A 257 14.17 3.68 -11.32
C UNK A 257 12.87 3.51 -10.55
N UNK A 258 12.61 4.40 -9.61
CA UNK A 258 11.42 4.28 -8.74
C UNK A 258 10.07 4.27 -9.44
N UNK A 259 10.00 4.88 -10.62
CA UNK A 259 8.72 4.80 -11.40
C UNK A 259 8.52 3.41 -11.96
N UNK A 260 9.55 2.78 -12.45
CA UNK A 260 9.39 1.44 -12.99
C UNK A 260 9.17 0.43 -11.87
N UNK A 261 9.77 0.67 -10.75
CA UNK A 261 9.61 -0.35 -9.77
C UNK A 261 8.25 -0.30 -9.09
N UNK A 262 7.72 0.92 -9.05
CA UNK A 262 6.39 1.17 -8.47
C UNK A 262 5.31 0.63 -9.36
N UNK A 263 5.43 0.84 -10.63
CA UNK A 263 4.47 0.29 -11.57
C UNK A 263 4.49 -1.23 -11.62
N UNK A 264 5.62 -1.84 -11.43
CA UNK A 264 5.62 -3.32 -11.29
C UNK A 264 4.91 -3.74 -10.01
N UNK A 265 5.11 -2.96 -8.95
CA UNK A 265 4.44 -3.21 -7.67
C UNK A 265 2.92 -3.21 -7.83
N UNK A 266 2.47 -2.30 -8.67
CA UNK A 266 1.02 -2.18 -8.93
C UNK A 266 0.51 -3.37 -9.74
N UNK A 267 1.32 -3.92 -10.60
CA UNK A 267 0.80 -5.10 -11.28
C UNK A 267 0.56 -6.26 -10.31
N UNK A 268 1.32 -6.30 -9.23
CA UNK A 268 1.20 -7.27 -8.15
C UNK A 268 0.01 -6.94 -7.28
N UNK A 269 -0.20 -5.66 -6.94
CA UNK A 269 -1.34 -5.18 -6.14
C UNK A 269 -2.71 -5.45 -6.79
N UNK A 270 -2.72 -5.49 -8.12
CA UNK A 270 -3.89 -5.76 -8.94
C UNK A 270 -4.22 -7.23 -8.97
N UNK A 271 -3.47 -8.04 -8.27
CA UNK A 271 -3.83 -9.48 -8.18
C UNK A 271 -4.96 -9.79 -7.18
N UNK A 272 -5.90 -10.67 -7.48
CA UNK A 272 -7.09 -10.93 -6.63
C UNK A 272 -6.76 -11.46 -5.24
N UNK A 273 -5.61 -12.03 -5.14
CA UNK A 273 -5.14 -12.60 -3.88
C UNK A 273 -4.29 -11.57 -3.15
N UNK A 274 -4.23 -10.36 -3.73
CA UNK A 274 -3.55 -9.23 -3.12
C UNK A 274 -4.45 -8.01 -2.97
N UNK A 275 -4.12 -6.86 -3.42
CA UNK A 275 -5.00 -5.72 -3.18
C UNK A 275 -6.34 -5.75 -3.93
N UNK A 276 -6.48 -6.42 -5.07
CA UNK A 276 -7.74 -6.36 -5.81
C UNK A 276 -8.86 -7.01 -5.01
N UNK A 277 -8.50 -7.68 -3.94
CA UNK A 277 -9.49 -8.14 -2.91
C UNK A 277 -10.39 -7.02 -2.38
N UNK A 278 -9.93 -5.78 -2.40
CA UNK A 278 -10.74 -4.55 -2.24
C UNK A 278 -12.08 -4.74 -2.90
N UNK A 279 -11.86 -4.90 -4.14
CA UNK A 279 -12.85 -4.77 -5.20
C UNK A 279 -13.74 -5.99 -5.13
N UNK A 280 -13.05 -7.11 -4.95
CA UNK A 280 -13.65 -8.47 -4.96
C UNK A 280 -14.62 -8.73 -3.80
N UNK A 281 -14.32 -8.17 -2.68
CA UNK A 281 -15.26 -8.09 -1.57
C UNK A 281 -16.61 -7.43 -1.94
N UNK A 282 -16.58 -6.24 -2.52
CA UNK A 282 -17.82 -5.51 -2.82
C UNK A 282 -18.60 -6.13 -3.95
N UNK A 283 -17.94 -6.81 -4.88
CA UNK A 283 -18.61 -7.55 -5.95
C UNK A 283 -19.29 -8.80 -5.39
N UNK A 284 -18.69 -9.31 -4.35
CA UNK A 284 -19.19 -10.52 -3.70
C UNK A 284 -20.36 -10.19 -2.82
N UNK A 285 -20.28 -9.11 -2.13
CA UNK A 285 -21.37 -8.60 -1.30
C UNK A 285 -22.51 -8.17 -2.20
N UNK A 286 -22.14 -7.58 -3.30
CA UNK A 286 -23.15 -7.05 -4.21
C UNK A 286 -23.95 -8.20 -4.85
N UNK A 287 -23.33 -9.28 -5.16
CA UNK A 287 -23.92 -10.51 -5.60
C UNK A 287 -24.75 -11.17 -4.48
N UNK A 288 -24.16 -11.21 -3.29
CA UNK A 288 -24.83 -11.80 -2.12
C UNK A 288 -26.19 -11.16 -1.94
N UNK A 289 -26.21 -9.89 -2.04
CA UNK A 289 -27.42 -9.09 -1.84
C UNK A 289 -28.50 -9.26 -2.89
N UNK A 290 -28.04 -9.60 -4.07
CA UNK A 290 -28.92 -9.81 -5.18
C UNK A 290 -29.59 -11.16 -5.04
N UNK A 291 -28.79 -12.11 -4.65
CA UNK A 291 -29.29 -13.45 -4.45
C UNK A 291 -30.02 -13.60 -3.12
N UNK A 292 -29.36 -13.90 -2.10
N UNK A 295 -31.24 -8.16 3.56
CA UNK A 295 -31.49 -8.57 4.94
C UNK A 295 -31.76 -10.07 5.08
N UNK A 296 -30.65 -10.82 5.09
CA UNK A 296 -30.60 -12.30 5.16
C UNK A 296 -30.37 -12.81 6.58
N UNK A 297 -30.69 -14.07 6.76
CA UNK A 297 -30.60 -14.92 7.95
C UNK A 297 -29.18 -15.45 8.04
N UNK A 298 -28.64 -15.70 9.23
CA UNK A 298 -27.35 -16.41 9.28
C UNK A 298 -27.32 -17.72 8.52
N UNK A 299 -28.40 -18.44 8.46
CA UNK A 299 -28.40 -19.73 7.76
C UNK A 299 -28.21 -19.59 6.24
N UNK A 300 -28.92 -18.65 5.63
CA UNK A 300 -28.76 -18.37 4.20
C UNK A 300 -27.41 -17.70 3.94
N UNK A 301 -26.89 -17.08 4.94
CA UNK A 301 -25.62 -16.36 4.77
C UNK A 301 -24.46 -17.35 4.72
N UNK A 302 -24.70 -18.42 5.41
CA UNK A 302 -23.76 -19.52 5.50
C UNK A 302 -23.85 -20.53 4.36
N UNK A 303 -25.03 -20.62 3.76
CA UNK A 303 -25.26 -21.34 2.49
C UNK A 303 -24.49 -20.65 1.35
N UNK A 304 -24.59 -19.35 1.35
CA UNK A 304 -23.96 -18.58 0.32
C UNK A 304 -22.44 -18.73 0.35
N UNK A 305 -21.89 -18.68 1.57
CA UNK A 305 -20.45 -18.89 1.82
C UNK A 305 -19.98 -20.30 1.48
N UNK A 306 -20.75 -21.32 1.85
CA UNK A 306 -20.41 -22.66 1.37
C UNK A 306 -20.46 -22.83 -0.15
N UNK A 307 -21.38 -22.18 -0.79
CA UNK A 307 -21.48 -22.30 -2.25
C UNK A 307 -20.22 -21.71 -2.89
N UNK A 308 -19.66 -20.72 -2.25
CA UNK A 308 -18.40 -20.14 -2.73
C UNK A 308 -17.25 -21.08 -2.51
N UNK A 309 -17.07 -21.62 -1.30
CA UNK A 309 -16.04 -22.59 -1.08
C UNK A 309 -16.17 -23.85 -1.98
N UNK A 310 -17.37 -24.37 -2.12
CA UNK A 310 -17.59 -25.66 -2.78
C UNK A 310 -17.40 -25.50 -4.27
N UNK A 311 -17.30 -24.27 -4.71
CA UNK A 311 -17.06 -23.97 -6.13
C UNK A 311 -15.59 -23.67 -6.44
N UNK A 312 -14.74 -23.90 -5.47
CA UNK A 312 -13.31 -23.83 -5.73
C UNK A 312 -12.89 -22.37 -5.85
N UNK A 313 -13.64 -21.50 -5.16
CA UNK A 313 -13.34 -20.08 -5.05
C UNK A 313 -12.97 -19.66 -3.64
N UNK A 314 -12.37 -18.50 -3.54
CA UNK A 314 -12.02 -17.91 -2.24
C UNK A 314 -13.06 -16.94 -1.75
N UNK A 315 -13.14 -16.85 -0.48
CA UNK A 315 -13.93 -15.81 0.14
C UNK A 315 -13.05 -14.57 0.30
N UNK A 316 -13.33 -13.58 -0.48
CA UNK A 316 -12.46 -12.39 -0.51
C UNK A 316 -12.37 -11.74 0.87
N UNK A 317 -11.22 -11.26 1.23
CA UNK A 317 -11.18 -10.37 2.36
C UNK A 317 -10.74 -11.05 3.63
N UNK A 318 -10.72 -12.35 3.53
CA UNK A 318 -10.52 -13.26 4.68
C UNK A 318 -9.27 -14.09 4.48
N UNK A 319 -8.47 -14.18 5.55
CA UNK A 319 -7.21 -14.91 5.55
C UNK A 319 -6.00 -14.04 5.30
N UNK A 320 -4.86 -14.60 5.55
CA UNK A 320 -3.64 -13.81 5.47
C UNK A 320 -2.37 -14.68 5.49
N UNK A 321 -1.37 -14.37 4.72
CA UNK A 321 -0.15 -15.21 4.76
C UNK A 321 0.62 -15.17 6.07
N UNK A 322 0.54 -14.10 6.81
CA UNK A 322 1.32 -13.95 8.06
C UNK A 322 0.48 -13.71 9.31
N UNK A 323 -0.52 -12.87 9.23
CA UNK A 323 -1.43 -12.59 10.33
C UNK A 323 -2.19 -13.84 10.72
N UNK A 324 -2.33 -14.04 12.00
CA UNK A 324 -3.05 -15.19 12.54
C UNK A 324 -4.23 -14.79 13.40
N UNK A 325 -4.52 -13.52 13.37
CA UNK A 325 -5.57 -12.87 14.12
C UNK A 325 -6.20 -11.82 13.22
N UNK A 326 -7.26 -11.23 13.65
CA UNK A 326 -7.95 -10.22 12.90
C UNK A 326 -7.01 -9.05 12.73
N UNK A 327 -6.90 -8.67 11.48
CA UNK A 327 -6.09 -7.52 11.11
C UNK A 327 -6.52 -6.26 11.87
N UNK A 328 -5.62 -5.60 12.62
CA UNK A 328 -5.91 -4.32 13.23
C UNK A 328 -6.32 -3.27 12.21
N UNK A 329 -5.96 -3.45 10.97
CA UNK A 329 -6.44 -2.53 9.96
C UNK A 329 -7.93 -2.74 9.71
N UNK A 330 -8.39 -3.97 9.89
CA UNK A 330 -9.86 -4.29 9.87
C UNK A 330 -10.53 -3.65 11.08
N UNK A 331 -9.97 -3.73 12.26
CA UNK A 331 -10.62 -3.13 13.45
C UNK A 331 -10.70 -1.63 13.42
N UNK A 332 -9.62 -1.08 12.92
CA UNK A 332 -9.50 0.35 12.65
C UNK A 332 -10.57 0.87 11.68
N UNK A 333 -10.88 0.10 10.64
CA UNK A 333 -12.00 0.48 9.77
C UNK A 333 -13.42 0.29 10.32
N UNK A 334 -13.60 -0.71 11.11
CA UNK A 334 -14.83 -0.98 11.84
C UNK A 334 -15.14 0.07 12.92
N UNK A 335 -14.11 0.52 13.57
CA UNK A 335 -14.29 1.57 14.55
C UNK A 335 -14.67 2.92 13.92
N UNK A 336 -14.13 3.23 12.74
CA UNK A 336 -14.63 4.33 11.92
C UNK A 336 -16.09 4.11 11.50
N UNK A 337 -16.44 2.95 11.08
CA UNK A 337 -17.84 2.75 10.65
C UNK A 337 -18.81 2.92 11.82
N UNK A 338 -18.46 2.32 12.93
CA UNK A 338 -19.33 2.34 14.10
C UNK A 338 -19.50 3.74 14.61
N UNK A 339 -18.57 4.59 14.29
CA UNK A 339 -18.59 6.02 14.61
C UNK A 339 -19.52 6.80 13.69
N UNK A 340 -19.33 6.62 12.40
CA UNK A 340 -19.85 7.49 11.33
C UNK A 340 -21.00 6.95 10.48
N UNK A 341 -21.02 5.70 10.22
CA UNK A 341 -22.06 5.04 9.40
C UNK A 341 -22.68 3.78 10.00
N UNK A 342 -23.09 3.79 11.24
CA UNK A 342 -23.40 2.52 11.90
C UNK A 342 -24.66 1.81 11.36
N UNK A 343 -25.56 2.57 10.78
CA UNK A 343 -26.88 2.06 10.36
C UNK A 343 -26.85 1.55 8.91
N UNK A 344 -25.69 1.71 8.29
CA UNK A 344 -25.60 1.40 6.86
C UNK A 344 -25.74 -0.09 6.65
N UNK A 345 -26.67 -0.48 5.82
CA UNK A 345 -26.99 -1.88 5.52
C UNK A 345 -25.82 -2.67 4.94
N UNK A 346 -24.94 -2.02 4.13
CA UNK A 346 -23.69 -2.70 3.71
C UNK A 346 -22.83 -3.03 4.92
N UNK A 347 -22.73 -2.07 5.81
CA UNK A 347 -21.90 -2.17 6.99
C UNK A 347 -22.43 -3.26 7.88
N UNK A 348 -23.74 -3.22 8.07
CA UNK A 348 -24.44 -4.28 8.83
C UNK A 348 -24.23 -5.68 8.28
N UNK A 349 -24.18 -5.83 6.97
CA UNK A 349 -23.80 -7.12 6.38
C UNK A 349 -22.33 -7.52 6.55
N UNK A 350 -21.40 -6.55 6.46
CA UNK A 350 -20.00 -6.78 6.83
C UNK A 350 -19.81 -7.10 8.32
N UNK A 351 -20.62 -6.51 9.17
CA UNK A 351 -20.55 -6.88 10.60
C UNK A 351 -21.07 -8.30 10.86
N UNK A 352 -22.08 -8.69 10.09
CA UNK A 352 -22.72 -10.02 10.16
C UNK A 352 -21.84 -11.12 9.59
N UNK A 353 -21.09 -10.82 8.58
CA UNK A 353 -20.15 -11.81 7.99
C UNK A 353 -19.02 -12.16 8.97
N UNK A 354 -18.60 -11.14 9.73
CA UNK A 354 -17.55 -11.34 10.75
C UNK A 354 -17.99 -12.35 11.82
N UNK A 355 -19.28 -12.47 11.95
CA UNK A 355 -19.87 -13.46 12.83
C UNK A 355 -19.96 -14.84 12.22
N UNK A 356 -19.93 -14.89 10.91
CA UNK A 356 -20.20 -16.15 10.23
C UNK A 356 -19.02 -16.76 9.47
N UNK A 357 -18.45 -16.00 8.53
CA UNK A 357 -17.24 -16.40 7.78
C UNK A 357 -16.18 -17.14 8.60
N UNK A 358 -15.61 -16.54 9.63
CA UNK A 358 -14.52 -17.22 10.31
C UNK A 358 -14.91 -18.60 10.86
N UNK A 359 -16.14 -18.71 11.29
CA UNK A 359 -16.65 -20.01 11.75
C UNK A 359 -16.90 -21.02 10.60
N UNK A 360 -17.30 -20.56 9.45
CA UNK A 360 -17.36 -21.43 8.29
C UNK A 360 -15.98 -21.83 7.81
N UNK A 361 -15.03 -20.89 7.79
CA UNK A 361 -13.63 -21.20 7.46
C UNK A 361 -12.95 -22.18 8.43
N UNK A 362 -13.32 -22.13 9.66
CA UNK A 362 -12.87 -23.04 10.72
C UNK A 362 -13.46 -24.42 10.51
N UNK A 363 -14.72 -24.46 10.18
CA UNK A 363 -15.46 -25.70 9.81
C UNK A 363 -14.85 -26.36 8.57
N UNK A 364 -14.51 -25.56 7.58
CA UNK A 364 -13.82 -26.12 6.40
C UNK A 364 -12.42 -26.69 6.67
N UNK A 365 -11.75 -26.19 7.70
CA UNK A 365 -10.37 -26.59 8.04
C UNK A 365 -9.30 -26.39 6.97
N UNK A 366 -9.39 -25.42 6.13
CA UNK A 366 -8.26 -25.22 5.24
C UNK A 366 -7.50 -23.95 5.57
N UNK A 367 -8.23 -22.88 5.83
CA UNK A 367 -7.60 -21.58 6.15
C UNK A 367 -6.80 -21.66 7.44
N UNK A 368 -5.57 -21.29 7.38
CA UNK A 368 -4.81 -21.25 8.57
C UNK A 368 -5.13 -19.95 9.33
N UNK A 369 -5.59 -18.93 8.69
CA UNK A 369 -6.05 -17.78 9.42
C UNK A 369 -7.47 -17.46 8.98
N UNK A 370 -8.46 -17.77 9.73
CA UNK A 370 -9.88 -17.64 9.30
C UNK A 370 -10.42 -16.19 9.35
N UNK A 371 -9.56 -15.27 9.73
CA UNK A 371 -9.96 -13.93 10.18
C UNK A 371 -9.79 -12.93 9.04
N UNK A 372 -10.50 -11.83 9.10
CA UNK A 372 -10.50 -10.88 8.01
C UNK A 372 -9.19 -10.10 7.94
N UNK A 373 -8.91 -9.61 6.75
CA UNK A 373 -7.77 -8.70 6.52
C UNK A 373 -8.30 -7.32 6.11
N UNK A 374 -7.41 -6.36 5.93
CA UNK A 374 -7.80 -5.00 5.57
C UNK A 374 -8.88 -4.88 4.48
N UNK A 375 -8.80 -5.74 3.52
CA UNK A 375 -9.61 -5.64 2.31
C UNK A 375 -11.08 -6.04 2.52
N UNK A 376 -11.35 -6.71 3.61
CA UNK A 376 -12.71 -7.06 3.99
C UNK A 376 -13.53 -5.86 4.40
N UNK A 377 -12.87 -4.77 4.75
CA UNK A 377 -13.60 -3.66 5.35
C UNK A 377 -13.61 -2.31 4.62
N UNK A 378 -12.69 -2.13 3.75
CA UNK A 378 -12.45 -0.84 3.11
C UNK A 378 -13.53 -0.40 2.10
N UNK A 379 -14.04 -1.25 1.27
CA UNK A 379 -14.97 -0.82 0.27
C UNK A 379 -16.27 -0.24 0.84
N UNK A 380 -16.74 -0.89 1.90
CA UNK A 380 -18.04 -0.56 2.51
C UNK A 380 -18.00 0.86 3.06
N UNK A 381 -16.80 1.23 3.44
CA UNK A 381 -16.55 2.64 3.80
C UNK A 381 -16.67 3.63 2.64
N UNK A 382 -16.13 3.28 1.51
CA UNK A 382 -16.12 4.15 0.27
C UNK A 382 -17.52 4.34 -0.33
N UNK A 383 -18.22 3.22 -0.46
CA UNK A 383 -19.63 3.08 -0.91
C UNK A 383 -20.53 4.08 -0.16
N UNK A 384 -20.42 4.18 1.13
CA UNK A 384 -21.29 5.01 1.95
C UNK A 384 -21.16 6.46 1.55
N UNK A 385 -19.96 6.86 1.17
CA UNK A 385 -19.76 8.25 0.83
C UNK A 385 -20.05 8.51 -0.65
N UNK A 386 -20.53 7.53 -1.45
CA UNK A 386 -20.93 7.86 -2.84
C UNK A 386 -19.93 7.33 -3.85
N UNK A 387 -18.85 6.79 -3.32
CA UNK A 387 -17.84 6.20 -4.21
C UNK A 387 -18.15 4.77 -4.56
N UNK A 388 -19.10 4.56 -5.43
CA UNK A 388 -19.57 3.21 -5.54
C UNK A 388 -18.94 2.49 -6.71
N UNK A 389 -17.93 3.08 -7.38
CA UNK A 389 -17.30 2.39 -8.49
C UNK A 389 -16.18 1.46 -8.07
N UNK A 390 -16.54 0.30 -7.59
CA UNK A 390 -15.69 -0.72 -6.93
C UNK A 390 -14.52 -1.23 -7.75
N UNK A 391 -14.52 -1.11 -9.05
CA UNK A 391 -13.32 -1.46 -9.80
C UNK A 391 -12.23 -0.41 -9.63
N UNK A 392 -12.51 0.67 -8.96
CA UNK A 392 -11.50 1.73 -8.74
C UNK A 392 -10.74 1.54 -7.42
N UNK A 393 -11.37 0.82 -6.50
CA UNK A 393 -10.89 0.74 -5.12
C UNK A 393 -9.37 0.46 -4.93
N UNK A 394 -8.85 -0.42 -5.76
CA UNK A 394 -7.44 -0.83 -5.58
C UNK A 394 -6.44 0.27 -6.00
N UNK A 395 -6.98 1.20 -6.76
CA UNK A 395 -6.17 2.39 -7.13
C UNK A 395 -5.90 3.20 -5.89
N UNK A 396 -6.86 3.30 -5.04
CA UNK A 396 -6.70 4.01 -3.79
C UNK A 396 -5.71 3.28 -2.90
N UNK A 397 -5.78 1.94 -2.88
CA UNK A 397 -4.76 1.10 -2.17
C UNK A 397 -3.35 1.39 -2.71
N UNK A 398 -3.31 1.50 -4.01
CA UNK A 398 -2.14 1.82 -4.83
C UNK A 398 -1.52 3.15 -4.45
N UNK A 399 -2.31 4.15 -4.34
CA UNK A 399 -1.78 5.44 -3.94
C UNK A 399 -1.16 5.43 -2.54
N UNK A 400 -1.78 4.72 -1.65
CA UNK A 400 -1.32 4.69 -0.29
C UNK A 400 0.00 3.96 -0.15
N UNK A 401 0.06 2.80 -0.79
CA UNK A 401 1.17 1.86 -0.71
C UNK A 401 2.49 2.44 -1.22
N UNK A 402 2.39 3.43 -2.07
CA UNK A 402 3.57 4.22 -2.53
C UNK A 402 4.39 4.78 -1.36
N UNK A 403 3.69 5.17 -0.30
CA UNK A 403 4.32 5.74 0.88
C UNK A 403 5.27 4.77 1.54
N UNK A 404 4.88 3.51 1.59
CA UNK A 404 5.73 2.59 2.31
C UNK A 404 6.83 2.11 1.40
N UNK A 405 6.44 1.74 0.24
CA UNK A 405 7.46 1.16 -0.65
C UNK A 405 8.54 2.14 -1.14
N UNK A 406 8.20 3.41 -1.36
CA UNK A 406 9.18 4.38 -1.78
C UNK A 406 10.03 4.80 -0.58
N UNK A 407 9.50 4.76 0.60
CA UNK A 407 10.29 5.14 1.74
C UNK A 407 11.37 4.08 1.99
N UNK A 408 11.04 2.81 1.81
CA UNK A 408 12.04 1.77 1.90
C UNK A 408 13.02 1.90 0.76
N UNK A 409 12.51 2.18 -0.41
CA UNK A 409 13.37 2.19 -1.60
C UNK A 409 14.60 3.09 -1.48
N UNK A 410 14.39 4.21 -0.83
CA UNK A 410 15.48 5.15 -0.59
C UNK A 410 16.53 4.56 0.37
N UNK A 411 16.05 3.80 1.34
CA UNK A 411 16.96 3.10 2.28
C UNK A 411 17.76 1.97 1.66
N UNK A 412 17.11 1.20 0.85
CA UNK A 412 17.77 0.09 0.20
C UNK A 412 18.98 0.54 -0.60
N UNK A 413 18.76 1.59 -1.30
CA UNK A 413 19.77 2.26 -2.08
C UNK A 413 20.79 3.05 -1.22
N UNK A 414 20.34 3.66 -0.12
CA UNK A 414 21.27 4.27 0.87
C UNK A 414 22.23 3.30 1.57
N UNK A 415 21.71 2.12 1.89
CA UNK A 415 22.49 1.01 2.47
C UNK A 415 23.13 0.10 1.44
N UNK A 416 23.00 0.42 0.15
CA UNK A 416 23.61 -0.35 -0.90
C UNK A 416 23.22 -1.83 -0.89
N UNK A 417 21.92 -2.20 -0.69
CA UNK A 417 21.46 -3.56 -0.82
C UNK A 417 21.68 -3.93 -2.28
N UNK A 418 22.28 -5.09 -2.50
CA UNK A 418 22.58 -5.69 -3.79
C UNK A 418 21.34 -6.17 -4.57
N UNK A 419 21.58 -6.65 -5.73
CA UNK A 419 20.62 -7.44 -6.53
C UNK A 419 19.89 -8.57 -5.78
N UNK A 420 18.59 -8.58 -5.76
CA UNK A 420 17.97 -9.74 -5.12
C UNK A 420 17.96 -10.90 -6.09
N UNK A 421 18.66 -11.93 -5.80
CA UNK A 421 18.76 -13.01 -6.74
C UNK A 421 19.03 -14.32 -5.97
N UNK A 422 17.95 -14.94 -5.52
CA UNK A 422 18.01 -16.28 -4.91
C UNK A 422 18.36 -17.36 -5.93
N UNK A 423 18.45 -18.54 -5.39
CA UNK A 423 18.61 -19.77 -6.18
C UNK A 423 17.27 -20.50 -6.33
N UNK A 424 16.98 -20.96 -7.51
CA UNK A 424 15.78 -21.80 -7.72
C UNK A 424 16.13 -23.25 -7.99
N UNK A 425 15.19 -24.09 -7.83
CA UNK A 425 15.43 -25.52 -8.05
C UNK A 425 14.24 -26.07 -8.79
N UNK A 426 14.43 -27.12 -9.51
CA UNK A 426 13.30 -27.82 -10.07
C UNK A 426 13.01 -29.01 -9.16
N UNK A 427 11.83 -29.54 -9.25
CA UNK A 427 11.41 -30.69 -8.48
C UNK A 427 12.39 -31.83 -8.70
N UNK A 428 12.79 -32.09 -9.93
CA UNK A 428 13.70 -33.21 -10.22
C UNK A 428 15.01 -32.97 -9.49
N UNK A 429 15.49 -31.77 -9.52
CA UNK A 429 16.70 -31.36 -8.81
C UNK A 429 16.55 -31.39 -7.30
N UNK A 430 15.41 -31.06 -6.80
CA UNK A 430 15.21 -31.22 -5.36
C UNK A 430 15.08 -32.72 -4.99
N UNK A 431 14.46 -33.48 -5.85
CA UNK A 431 14.19 -34.89 -5.54
C UNK A 431 15.55 -35.57 -5.57
N UNK A 432 16.48 -35.04 -6.36
CA UNK A 432 17.85 -35.53 -6.28
C UNK A 432 18.73 -34.97 -5.17
N UNK A 433 18.29 -33.96 -4.44
CA UNK A 433 19.06 -33.39 -3.28
C UNK A 433 19.03 -34.17 -1.93
N UNK A 434 20.05 -34.12 -1.21
N1A COA B . -11.29 -18.69 1.21
C2A COA B . -11.13 -19.96 0.91
N3A COA B . -10.03 -20.72 1.06
C4A COA B . -9.03 -20.11 1.61
C5A COA B . -9.16 -18.75 1.98
C6A COA B . -10.32 -18.02 1.74
N6A COA B . -10.38 -16.77 2.16
N7A COA B . -8.06 -18.39 2.54
C8A COA B . -7.16 -19.46 2.52
N9A COA B . -7.84 -20.49 1.90
C1B COA B . -7.39 -21.83 1.50
C2B COA B . -6.12 -21.71 0.62
O2B COA B . -6.38 -21.22 -0.71
C3B COA B . -5.45 -23.06 0.69
O3B COA B . -6.16 -24.01 -0.11
P3B COA B . -5.34 -25.13 -1.09
O7A COA B . -6.30 -26.35 -1.45
O8A COA B . -4.97 -24.34 -2.43
O9A COA B . -4.09 -25.64 -0.25
C4B COA B . -5.64 -23.36 2.20
O4B COA B . -6.76 -22.52 2.59
C5B COA B . -4.45 -22.95 3.06
O5B COA B . -3.97 -21.65 2.67
P1A COA B . -3.44 -20.51 3.74
O1A COA B . -4.47 -20.32 4.84
O2A COA B . -2.05 -20.83 4.31
O3A COA B . -3.38 -19.18 2.83
P2A COA B . -2.03 -18.56 2.11
O4A COA B . -1.04 -18.07 3.20
O5A COA B . -1.37 -19.52 1.10
O6A COA B . -2.66 -17.28 1.32
CBP COA B . -4.32 -15.51 1.27
CCP COA B . -3.21 -16.19 2.06
CDP COA B . -4.54 -14.04 1.71
CEP COA B . -3.84 -15.57 -0.18
CAP COA B . -5.62 -16.34 1.46
OAP COA B . -6.11 -16.32 2.81
C9P COA B . -6.73 -15.96 0.47
O9P COA B . -6.79 -16.54 -0.66
N8P COA B . -7.59 -15.02 0.85
C7P COA B . -8.63 -14.54 -0.05
C6P COA B . -8.04 -13.46 -0.94
C5P COA B . -7.78 -12.24 -0.11
O5P COA B . -8.72 -11.59 0.41
N4P COA B . -6.60 -11.72 -0.22
C3P COA B . -6.27 -10.37 0.36
C1 CIT C . 0.26 -8.94 2.85
O1 CIT C . 0.68 -8.31 3.86
O2 CIT C . 0.82 -10.04 2.51
C2 CIT C . -0.86 -8.37 1.99
C3 CIT C . -1.66 -7.15 2.57
O7 CIT C . -2.25 -7.37 3.85
C4 CIT C . -2.72 -6.72 1.52
C5 CIT C . -3.62 -7.94 1.26
O3 CIT C . -3.47 -8.59 0.19
O4 CIT C . -4.20 -8.49 2.24
C6 CIT C . -0.73 -5.97 2.70
O5 CIT C . -1.16 -4.94 3.27
O6 CIT C . 0.13 -5.86 1.81
#